data_7FAD
#
_entry.id   7FAD
#
_cell.length_a   82.878
_cell.length_b   125.099
_cell.length_c   204.560
_cell.angle_alpha   90.000
_cell.angle_beta   90.000
_cell.angle_gamma   90.000
#
_symmetry.space_group_name_H-M   'I 2 2 2'
#
loop_
_entity.id
_entity.type
_entity.pdbx_description
1 polymer 'Gamma-tubulin complex component'
2 polymer 'Mitotic-spindle organizing protein 2B'
#
loop_
_entity_poly.entity_id
_entity_poly.type
_entity_poly.pdbx_seq_one_letter_code
_entity_poly.pdbx_strand_id
1 'polypeptide(L)'
;GPLGSMSEFRIHHDVNELISLLHVFGLEGADVYIDLLQKNRTPYVTTSVSTHSAKVKIAEFSRTPDDFLKKYEELKSKNT
RNLDPLVYLLSKLIEDKETLQYLQQNAKDKAELATSSVTSVSLPIAPNTSKISMQELEELRRQLETATVAVSCSHQPVEV
LRKFLRDK
;
A,C,E
2 'polypeptide(L)'
;GPHMMSRGQTEGSQAMASSQAAGPGPSPDAIVSVSGTVQKYVAKKKKVLNPEEAELYELTQAAGIVIDQEVFKILVDLLK
MNVAPLAVFQMLKSMCAG
;
B,D,F
#
# COMPACT_ATOMS: atom_id res chain seq x y z
N SER A 5 8.55 14.71 10.12
CA SER A 5 7.22 14.69 9.52
C SER A 5 7.04 13.53 8.54
N MET A 6 7.74 13.57 7.41
CA MET A 6 7.55 12.48 6.46
C MET A 6 8.08 11.18 7.07
N SER A 7 8.82 11.31 8.18
CA SER A 7 9.06 10.18 9.09
C SER A 7 7.76 9.67 9.68
N GLU A 8 7.03 10.55 10.40
CA GLU A 8 5.79 10.13 11.06
C GLU A 8 4.84 9.50 10.07
N PHE A 9 4.80 10.03 8.84
CA PHE A 9 3.98 9.38 7.84
C PHE A 9 4.35 7.92 7.73
N ARG A 10 5.65 7.61 7.68
CA ARG A 10 6.01 6.22 7.50
C ARG A 10 5.61 5.37 8.69
N ILE A 11 5.76 5.91 9.91
CA ILE A 11 5.31 5.17 11.09
C ILE A 11 3.82 4.87 11.00
N HIS A 12 2.99 5.90 10.71
CA HIS A 12 1.55 5.68 10.61
C HIS A 12 1.20 4.62 9.58
N HIS A 13 1.86 4.65 8.43
CA HIS A 13 1.64 3.62 7.41
C HIS A 13 1.98 2.25 7.96
N ASP A 14 3.04 2.17 8.76
CA ASP A 14 3.47 0.89 9.30
C ASP A 14 2.44 0.36 10.31
N VAL A 15 2.06 1.21 11.26
CA VAL A 15 0.99 0.87 12.19
C VAL A 15 -0.23 0.42 11.42
N ASN A 16 -0.61 1.19 10.41
CA ASN A 16 -1.84 0.92 9.69
C ASN A 16 -1.82 -0.46 9.03
N GLU A 17 -0.76 -0.79 8.26
CA GLU A 17 -0.78 -2.07 7.56
C GLU A 17 -0.72 -3.27 8.48
N LEU A 18 -0.24 -3.05 9.70
CA LEU A 18 -0.26 -4.11 10.70
C LEU A 18 -1.68 -4.36 11.17
N ILE A 19 -2.39 -3.28 11.55
CA ILE A 19 -3.83 -3.37 11.84
C ILE A 19 -4.55 -4.14 10.74
N SER A 20 -4.26 -3.78 9.49
CA SER A 20 -4.77 -4.54 8.35
C SER A 20 -4.30 -5.99 8.41
N LEU A 21 -2.98 -6.20 8.50
CA LEU A 21 -2.45 -7.54 8.38
C LEU A 21 -2.77 -8.44 9.56
N LEU A 22 -3.06 -7.88 10.73
CA LEU A 22 -3.30 -8.69 11.91
C LEU A 22 -4.77 -8.69 12.36
N HIS A 23 -5.66 -8.02 11.63
CA HIS A 23 -7.10 -8.13 11.84
C HIS A 23 -7.49 -7.56 13.20
N VAL A 24 -7.21 -6.27 13.41
CA VAL A 24 -7.31 -5.63 14.72
C VAL A 24 -8.60 -4.80 14.88
N PHE A 25 -8.67 -4.03 15.97
CA PHE A 25 -9.55 -2.87 16.20
C PHE A 25 -11.01 -3.35 16.23
N GLY A 29 -8.71 2.21 19.80
CA GLY A 29 -7.85 3.36 19.62
C GLY A 29 -6.36 3.03 19.49
N ALA A 30 -5.86 3.16 18.27
CA ALA A 30 -4.49 2.84 17.92
C ALA A 30 -3.60 4.07 17.79
N ASP A 31 -4.05 5.23 18.29
CA ASP A 31 -3.16 6.38 18.44
C ASP A 31 -2.14 6.17 19.55
N VAL A 32 -2.38 5.20 20.44
CA VAL A 32 -1.41 4.88 21.46
C VAL A 32 -0.16 4.25 20.83
N TYR A 33 -0.35 3.36 19.86
CA TYR A 33 0.77 2.77 19.17
C TYR A 33 1.68 3.83 18.58
N ILE A 34 1.10 4.93 18.08
CA ILE A 34 1.91 6.00 17.53
C ILE A 34 2.78 6.61 18.63
N ASP A 35 2.16 6.94 19.76
CA ASP A 35 2.92 7.46 20.90
C ASP A 35 3.96 6.45 21.39
N LEU A 36 3.55 5.19 21.55
CA LEU A 36 4.45 4.14 22.00
C LEU A 36 5.63 4.00 21.05
N LEU A 37 5.39 3.92 19.74
CA LEU A 37 6.52 3.72 18.85
C LEU A 37 7.37 4.97 18.64
N GLN A 38 6.84 6.17 18.99
CA GLN A 38 7.53 7.43 18.76
C GLN A 38 8.43 7.85 19.92
N LYS A 39 8.73 6.94 20.82
CA LYS A 39 9.75 7.12 21.87
C LYS A 39 10.81 6.04 21.58
N ASN A 40 11.92 6.49 20.99
CA ASN A 40 12.79 5.73 20.07
C ASN A 40 14.11 6.48 19.88
N ARG A 41 14.84 6.60 20.99
CA ARG A 41 15.73 7.74 21.24
C ARG A 41 17.13 7.61 20.64
N THR A 42 17.53 6.45 20.11
CA THR A 42 18.91 6.24 19.61
C THR A 42 19.08 5.01 18.68
N VAL A 45 21.01 1.43 21.89
CA VAL A 45 22.15 1.12 22.77
C VAL A 45 22.06 -0.27 23.46
N THR A 46 22.35 -1.34 22.72
CA THR A 46 22.19 -2.67 23.30
C THR A 46 23.42 -2.95 24.14
N THR A 47 23.31 -3.94 25.03
CA THR A 47 24.45 -4.36 25.84
C THR A 47 24.96 -5.68 25.31
N SER A 48 26.16 -6.05 25.78
CA SER A 48 26.74 -7.30 25.32
C SER A 48 26.10 -8.50 25.99
N VAL A 49 25.70 -8.38 27.26
CA VAL A 49 24.99 -9.47 27.92
C VAL A 49 23.60 -9.61 27.35
N SER A 50 22.90 -8.48 27.17
CA SER A 50 21.50 -8.54 26.78
C SER A 50 21.36 -9.44 25.58
N THR A 51 22.20 -9.22 24.57
CA THR A 51 22.11 -10.08 23.39
C THR A 51 22.56 -11.49 23.70
N HIS A 52 23.46 -11.66 24.66
CA HIS A 52 23.77 -13.01 25.09
C HIS A 52 22.59 -13.62 25.86
N SER A 53 22.07 -12.89 26.86
CA SER A 53 20.91 -13.37 27.59
C SER A 53 19.80 -13.75 26.63
N ALA A 54 19.39 -12.81 25.77
CA ALA A 54 18.37 -13.10 24.79
C ALA A 54 18.73 -14.32 23.97
N LYS A 55 19.97 -14.38 23.50
CA LYS A 55 20.37 -15.45 22.58
C LYS A 55 20.31 -16.83 23.24
N VAL A 56 20.72 -16.96 24.51
CA VAL A 56 20.63 -18.29 25.13
C VAL A 56 19.16 -18.69 25.32
N LYS A 57 18.30 -17.73 25.61
CA LYS A 57 16.88 -18.02 25.77
C LYS A 57 16.27 -18.52 24.46
N ILE A 58 16.60 -17.91 23.31
CA ILE A 58 16.11 -18.45 22.03
C ILE A 58 16.60 -19.88 21.84
N ALA A 59 17.90 -20.09 22.02
CA ALA A 59 18.44 -21.40 21.70
C ALA A 59 17.81 -22.49 22.59
N GLU A 60 17.40 -22.12 23.82
CA GLU A 60 16.64 -23.08 24.64
C GLU A 60 15.31 -23.39 23.98
N PHE A 61 14.59 -22.35 23.57
CA PHE A 61 13.26 -22.52 22.99
C PHE A 61 13.31 -23.32 21.70
N SER A 62 14.07 -22.88 20.71
CA SER A 62 13.92 -23.49 19.39
C SER A 62 14.41 -24.93 19.40
N ARG A 63 13.71 -25.77 18.64
CA ARG A 63 14.30 -26.96 18.06
C ARG A 63 15.26 -26.49 16.98
N THR A 64 16.21 -27.35 16.60
CA THR A 64 17.35 -26.91 15.77
C THR A 64 17.99 -25.62 16.27
N PRO A 65 18.69 -25.66 17.42
CA PRO A 65 19.23 -24.41 18.01
C PRO A 65 20.52 -24.02 17.32
N ASP A 66 21.23 -25.05 16.84
CA ASP A 66 22.47 -24.81 16.10
C ASP A 66 22.22 -23.97 14.86
N ASP A 67 21.17 -24.29 14.10
CA ASP A 67 20.83 -23.51 12.92
C ASP A 67 20.69 -22.04 13.27
N PHE A 68 20.02 -21.74 14.39
CA PHE A 68 19.89 -20.35 14.80
C PHE A 68 21.24 -19.75 15.15
N LEU A 69 21.98 -20.43 16.03
CA LEU A 69 23.32 -19.98 16.41
C LEU A 69 24.25 -19.92 15.23
N LYS A 70 24.20 -20.93 14.35
CA LYS A 70 25.13 -20.94 13.22
C LYS A 70 24.85 -19.78 12.29
N LYS A 71 23.57 -19.50 12.02
CA LYS A 71 23.33 -18.32 11.20
C LYS A 71 23.26 -17.04 12.01
N TYR A 72 23.22 -17.11 13.34
CA TYR A 72 23.56 -15.90 14.07
C TYR A 72 24.99 -15.50 13.74
N GLU A 73 25.89 -16.48 13.77
CA GLU A 73 27.32 -16.28 13.52
C GLU A 73 27.59 -15.81 12.10
N GLU A 74 26.93 -16.44 11.10
CA GLU A 74 27.08 -16.05 9.69
C GLU A 74 26.80 -14.58 9.50
N LEU A 75 25.90 -14.06 10.31
CA LEU A 75 25.17 -12.84 10.01
C LEU A 75 25.64 -11.69 10.88
N LYS A 76 26.42 -11.98 11.91
CA LYS A 76 27.07 -10.99 12.77
C LYS A 76 28.40 -10.58 12.20
N SER A 77 29.11 -11.54 11.60
CA SER A 77 30.35 -11.21 10.92
C SER A 77 30.09 -10.23 9.78
N LYS A 78 28.91 -10.32 9.17
CA LYS A 78 28.58 -9.34 8.14
C LYS A 78 28.02 -8.06 8.73
N ASN A 79 27.94 -7.95 10.04
CA ASN A 79 27.42 -6.75 10.69
C ASN A 79 26.01 -6.40 10.21
N THR A 80 25.18 -7.39 9.88
CA THR A 80 23.91 -7.08 9.23
C THR A 80 23.07 -6.20 10.16
N ARG A 81 22.26 -5.33 9.56
CA ARG A 81 21.68 -4.22 10.30
C ARG A 81 20.61 -4.69 11.28
N ASN A 82 20.57 -4.04 12.43
CA ASN A 82 19.59 -4.34 13.49
C ASN A 82 19.53 -5.81 13.86
N LEU A 83 20.67 -6.51 13.80
CA LEU A 83 20.67 -7.94 14.11
C LEU A 83 20.37 -8.16 15.58
N ASP A 84 21.03 -7.41 16.44
CA ASP A 84 20.88 -7.65 17.87
C ASP A 84 19.55 -7.17 18.43
N PRO A 85 19.03 -6.00 18.01
CA PRO A 85 17.68 -5.61 18.45
C PRO A 85 16.58 -6.52 17.93
N LEU A 86 16.78 -7.12 16.75
CA LEU A 86 15.83 -8.11 16.25
C LEU A 86 15.89 -9.39 17.09
N VAL A 87 17.10 -9.82 17.51
CA VAL A 87 17.25 -11.00 18.36
C VAL A 87 16.71 -10.74 19.77
N TYR A 88 16.88 -9.53 20.27
CA TYR A 88 16.23 -9.19 21.52
C TYR A 88 14.73 -9.29 21.40
N LEU A 89 14.18 -8.88 20.24
CA LEU A 89 12.72 -8.94 20.06
C LEU A 89 12.23 -10.38 20.07
N LEU A 90 12.91 -11.27 19.33
CA LEU A 90 12.49 -12.66 19.30
C LEU A 90 12.50 -13.30 20.69
N SER A 91 13.52 -13.01 21.50
CA SER A 91 13.49 -13.51 22.88
C SER A 91 12.26 -12.98 23.61
N LYS A 92 11.92 -11.70 23.41
CA LYS A 92 10.77 -11.13 24.11
C LYS A 92 9.47 -11.79 23.68
N LEU A 93 9.40 -12.22 22.41
CA LEU A 93 8.23 -12.88 21.83
C LEU A 93 8.07 -14.31 22.32
N ILE A 94 9.17 -15.00 22.63
CA ILE A 94 9.04 -16.35 23.15
C ILE A 94 8.35 -16.31 24.50
N GLU A 95 8.69 -15.32 25.34
CA GLU A 95 8.17 -15.24 26.69
C GLU A 95 6.64 -15.16 26.70
N ASP A 96 6.08 -14.32 25.82
CA ASP A 96 4.64 -14.05 25.81
C ASP A 96 3.98 -15.05 24.87
N LYS A 97 3.60 -16.20 25.44
CA LYS A 97 3.20 -17.32 24.59
C LYS A 97 1.89 -17.06 23.85
N GLU A 98 1.08 -16.12 24.34
CA GLU A 98 -0.18 -15.80 23.66
C GLU A 98 0.08 -15.13 22.31
N THR A 99 0.81 -14.00 22.31
CA THR A 99 1.04 -13.26 21.08
C THR A 99 2.03 -13.98 20.16
N LEU A 100 2.80 -14.92 20.69
CA LEU A 100 3.58 -15.80 19.84
C LEU A 100 2.67 -16.67 18.99
N GLN A 101 1.58 -17.16 19.59
CA GLN A 101 0.66 -18.07 18.93
C GLN A 101 -0.21 -17.34 17.92
N TYR A 102 -0.61 -16.11 18.25
CA TYR A 102 -1.34 -15.30 17.28
C TYR A 102 -0.54 -15.14 16.00
N LEU A 103 0.67 -14.60 16.12
CA LEU A 103 1.55 -14.51 14.96
C LEU A 103 1.68 -15.87 14.28
N GLN A 104 1.81 -16.92 15.07
CA GLN A 104 1.84 -18.27 14.52
C GLN A 104 0.63 -18.54 13.65
N GLN A 105 -0.57 -18.20 14.15
CA GLN A 105 -1.83 -18.47 13.45
C GLN A 105 -2.05 -17.55 12.26
N ASN A 106 -1.97 -16.22 12.49
CA ASN A 106 -2.13 -15.24 11.42
C ASN A 106 -1.31 -15.63 10.20
N ALA A 107 -0.20 -16.33 10.40
CA ALA A 107 0.60 -16.81 9.27
C ALA A 107 -0.04 -18.02 8.61
N LYS A 108 -0.77 -18.86 9.36
CA LYS A 108 -1.49 -19.97 8.74
C LYS A 108 -2.65 -19.45 7.89
N ASP A 109 -3.30 -18.39 8.36
CA ASP A 109 -4.42 -17.78 7.65
C ASP A 109 -4.01 -17.32 6.27
N LYS A 110 -2.79 -16.81 6.14
CA LYS A 110 -2.33 -16.23 4.88
C LYS A 110 -1.55 -17.23 4.02
N ALA A 111 -1.93 -18.51 4.04
CA ALA A 111 -1.38 -19.53 3.15
C ALA A 111 -2.46 -20.41 2.51
N VAL B 48 8.64 -11.44 -1.97
CA VAL B 48 7.98 -10.49 -1.04
C VAL B 48 9.02 -9.57 -0.42
N LEU B 49 10.03 -10.15 0.23
CA LEU B 49 11.05 -9.39 0.96
C LEU B 49 12.45 -9.77 0.50
N ASN B 50 13.34 -8.76 0.55
CA ASN B 50 14.59 -8.70 -0.19
C ASN B 50 15.71 -9.49 0.48
N PRO B 51 16.85 -9.74 -0.22
CA PRO B 51 17.95 -10.54 0.36
C PRO B 51 18.34 -10.21 1.79
N GLU B 52 18.39 -8.91 2.13
CA GLU B 52 18.73 -8.51 3.49
C GLU B 52 17.70 -9.05 4.48
N GLU B 53 16.43 -8.73 4.25
CA GLU B 53 15.35 -9.20 5.10
C GLU B 53 15.17 -10.71 5.02
N ALA B 54 15.50 -11.31 3.88
CA ALA B 54 15.39 -12.76 3.74
C ALA B 54 16.28 -13.48 4.74
N GLU B 55 17.50 -12.96 4.97
CA GLU B 55 18.39 -13.51 5.98
C GLU B 55 17.76 -13.45 7.37
N LEU B 56 17.35 -12.25 7.79
CA LEU B 56 16.76 -12.10 9.11
C LEU B 56 15.52 -12.98 9.29
N TYR B 57 14.69 -13.08 8.26
CA TYR B 57 13.56 -13.99 8.33
C TYR B 57 14.02 -15.42 8.58
N GLU B 58 15.02 -15.88 7.82
CA GLU B 58 15.55 -17.23 8.04
C GLU B 58 16.04 -17.38 9.46
N LEU B 59 16.68 -16.33 9.98
CA LEU B 59 17.14 -16.32 11.36
C LEU B 59 15.97 -16.54 12.31
N THR B 60 14.99 -15.63 12.31
CA THR B 60 13.80 -15.83 13.15
C THR B 60 13.17 -17.19 12.90
N GLN B 61 13.24 -17.67 11.66
CA GLN B 61 12.66 -18.96 11.32
C GLN B 61 13.37 -20.11 12.03
N ALA B 62 14.69 -20.21 11.88
CA ALA B 62 15.45 -21.25 12.59
C ALA B 62 15.46 -21.00 14.10
N ALA B 63 15.20 -19.76 14.51
CA ALA B 63 15.00 -19.45 15.92
C ALA B 63 13.71 -20.04 16.47
N GLY B 64 12.87 -20.60 15.61
CA GLY B 64 11.68 -21.31 16.04
C GLY B 64 10.37 -20.58 15.82
N ILE B 65 10.38 -19.26 15.55
CA ILE B 65 9.10 -18.53 15.43
C ILE B 65 8.71 -18.44 13.97
N VAL B 66 7.40 -18.37 13.70
CA VAL B 66 6.90 -18.17 12.34
C VAL B 66 5.92 -17.01 12.35
N ILE B 67 6.22 -15.98 11.57
CA ILE B 67 5.28 -14.89 11.36
C ILE B 67 5.35 -14.60 9.88
N ASP B 68 4.21 -14.23 9.28
CA ASP B 68 4.17 -14.17 7.82
C ASP B 68 5.04 -13.02 7.32
N GLN B 69 5.68 -13.28 6.19
CA GLN B 69 6.70 -12.38 5.66
C GLN B 69 6.25 -10.93 5.67
N GLU B 70 4.96 -10.70 5.46
CA GLU B 70 4.46 -9.32 5.34
C GLU B 70 4.64 -8.54 6.64
N VAL B 71 4.26 -9.13 7.78
CA VAL B 71 4.46 -8.40 9.03
C VAL B 71 5.93 -8.41 9.43
N PHE B 72 6.66 -9.48 9.12
CA PHE B 72 8.08 -9.47 9.43
C PHE B 72 8.74 -8.27 8.78
N LYS B 73 8.39 -7.98 7.52
CA LYS B 73 8.96 -6.85 6.79
C LYS B 73 8.74 -5.54 7.54
N ILE B 74 7.56 -5.36 8.14
CA ILE B 74 7.24 -4.11 8.81
C ILE B 74 8.02 -3.99 10.10
N LEU B 75 8.11 -5.10 10.84
CA LEU B 75 8.86 -5.12 12.08
C LEU B 75 10.29 -4.65 11.83
N VAL B 76 10.99 -5.37 10.94
CA VAL B 76 12.33 -4.99 10.48
C VAL B 76 12.36 -3.51 10.15
N ASP B 77 11.32 -3.03 9.49
CA ASP B 77 11.27 -1.61 9.13
C ASP B 77 11.14 -0.73 10.37
N LEU B 78 10.30 -1.14 11.33
CA LEU B 78 10.18 -0.37 12.55
C LEU B 78 11.49 -0.32 13.29
N LEU B 79 12.23 -1.43 13.25
CA LEU B 79 13.57 -1.42 13.81
C LEU B 79 14.47 -0.46 13.05
N LYS B 80 14.38 -0.46 11.70
CA LYS B 80 15.21 0.39 10.87
C LYS B 80 15.01 1.86 11.21
N MET B 81 13.78 2.26 11.55
CA MET B 81 13.52 3.63 11.95
C MET B 81 13.82 3.85 13.42
N ASN B 82 14.62 2.95 14.00
CA ASN B 82 15.18 3.00 15.35
C ASN B 82 14.10 3.06 16.41
N VAL B 83 13.16 2.15 16.31
CA VAL B 83 12.19 1.99 17.38
C VAL B 83 12.77 0.94 18.30
N ALA B 84 12.61 1.15 19.60
CA ALA B 84 13.10 0.17 20.56
C ALA B 84 12.43 -1.19 20.35
N PRO B 85 13.19 -2.29 20.38
CA PRO B 85 12.54 -3.60 20.17
C PRO B 85 11.45 -3.85 21.18
N LEU B 86 11.66 -3.34 22.40
CA LEU B 86 10.66 -3.51 23.44
C LEU B 86 9.36 -2.81 23.04
N ALA B 87 9.45 -1.60 22.48
CA ALA B 87 8.27 -0.89 21.96
C ALA B 87 7.57 -1.67 20.83
N VAL B 88 8.37 -2.22 19.91
CA VAL B 88 7.78 -3.09 18.89
C VAL B 88 7.09 -4.27 19.54
N PHE B 89 7.76 -4.93 20.49
CA PHE B 89 7.14 -6.05 21.16
C PHE B 89 5.87 -5.64 21.90
N GLN B 90 5.94 -4.56 22.68
CA GLN B 90 4.78 -4.12 23.44
C GLN B 90 3.56 -3.89 22.54
N MET B 91 3.73 -3.14 21.45
CA MET B 91 2.58 -2.94 20.56
C MET B 91 2.15 -4.24 19.89
N LEU B 92 3.09 -5.09 19.49
CA LEU B 92 2.72 -6.40 18.98
C LEU B 92 1.88 -7.16 19.99
N LYS B 93 2.26 -7.11 21.25
CA LYS B 93 1.51 -7.81 22.29
C LYS B 93 0.12 -7.24 22.42
N SER B 94 0.00 -5.91 22.36
CA SER B 94 -1.31 -5.27 22.51
C SER B 94 -2.22 -5.61 21.32
N MET B 95 -1.69 -5.56 20.10
CA MET B 95 -2.45 -5.85 18.89
C MET B 95 -2.98 -7.28 18.87
N CYS B 96 -2.56 -8.13 19.80
CA CYS B 96 -2.98 -9.53 19.81
C CYS B 96 -3.77 -9.88 21.06
N ALA B 97 -4.99 -10.38 20.85
CA ALA B 97 -5.98 -10.81 21.85
C ALA B 97 -5.92 -10.07 23.19
N SER C 5 -4.68 18.94 1.08
CA SER C 5 -4.92 17.88 2.05
C SER C 5 -4.74 16.54 1.36
N MET C 6 -5.83 15.92 0.89
CA MET C 6 -5.72 14.60 0.24
C MET C 6 -4.77 14.63 -0.93
N SER C 7 -4.50 15.84 -1.46
CA SER C 7 -3.42 16.04 -2.41
C SER C 7 -2.06 15.71 -1.81
N GLU C 8 -1.70 16.40 -0.71
CA GLU C 8 -0.41 16.17 -0.07
C GLU C 8 -0.27 14.74 0.42
N PHE C 9 -1.36 14.18 0.96
CA PHE C 9 -1.33 12.79 1.40
C PHE C 9 -0.85 11.89 0.28
N ARG C 10 -1.35 12.11 -0.94
CA ARG C 10 -0.95 11.23 -2.03
C ARG C 10 0.52 11.41 -2.35
N ILE C 11 0.99 12.66 -2.36
CA ILE C 11 2.40 12.92 -2.55
C ILE C 11 3.20 12.14 -1.52
N HIS C 12 2.81 12.27 -0.25
CA HIS C 12 3.48 11.53 0.80
C HIS C 12 3.42 10.03 0.56
N HIS C 13 2.26 9.49 0.20
CA HIS C 13 2.25 8.05 -0.07
C HIS C 13 3.20 7.71 -1.22
N ASP C 14 3.30 8.60 -2.21
CA ASP C 14 4.15 8.31 -3.37
C ASP C 14 5.64 8.31 -3.00
N VAL C 15 6.12 9.38 -2.32
CA VAL C 15 7.52 9.42 -1.87
C VAL C 15 7.85 8.17 -1.07
N ASN C 16 6.99 7.86 -0.10
CA ASN C 16 7.20 6.75 0.82
C ASN C 16 7.37 5.43 0.09
N GLU C 17 6.42 5.07 -0.77
CA GLU C 17 6.64 3.77 -1.41
C GLU C 17 7.83 3.77 -2.33
N LEU C 18 8.35 4.93 -2.71
CA LEU C 18 9.57 4.92 -3.50
C LEU C 18 10.75 4.53 -2.63
N ILE C 19 10.86 5.20 -1.47
CA ILE C 19 11.83 4.81 -0.46
C ILE C 19 11.77 3.31 -0.22
N SER C 20 10.55 2.79 -0.06
CA SER C 20 10.36 1.36 0.07
C SER C 20 10.90 0.62 -1.15
N LEU C 21 10.40 0.99 -2.33
CA LEU C 21 10.66 0.17 -3.49
C LEU C 21 12.11 0.20 -3.89
N LEU C 22 12.80 1.29 -3.55
CA LEU C 22 14.15 1.49 -4.02
C LEU C 22 15.20 1.24 -2.94
N HIS C 23 14.77 0.96 -1.69
CA HIS C 23 15.65 0.56 -0.60
C HIS C 23 16.57 1.70 -0.19
N VAL C 24 15.97 2.79 0.29
CA VAL C 24 16.64 4.05 0.56
C VAL C 24 16.97 4.18 2.04
N PHE C 25 17.52 5.33 2.43
CA PHE C 25 17.55 5.88 3.79
C PHE C 25 18.44 4.98 4.64
N GLY C 29 17.04 11.95 5.74
CA GLY C 29 15.98 12.95 5.85
C GLY C 29 15.40 13.40 4.50
N ALA C 30 14.18 12.94 4.22
CA ALA C 30 13.51 13.21 2.94
C ALA C 30 12.36 14.20 3.06
N ASP C 31 12.27 14.96 4.16
CA ASP C 31 11.33 16.09 4.17
C ASP C 31 11.75 17.16 3.17
N VAL C 32 12.96 17.04 2.64
CA VAL C 32 13.41 17.87 1.53
C VAL C 32 12.63 17.53 0.27
N TYR C 33 12.51 16.23 -0.03
CA TYR C 33 11.76 15.75 -1.19
C TYR C 33 10.32 16.26 -1.20
N ILE C 34 9.66 16.28 -0.05
CA ILE C 34 8.29 16.77 0.01
C ILE C 34 8.24 18.24 -0.37
N ASP C 35 9.13 19.06 0.22
CA ASP C 35 9.18 20.47 -0.15
C ASP C 35 9.46 20.64 -1.64
N LEU C 36 10.41 19.86 -2.18
CA LEU C 36 10.73 19.91 -3.61
C LEU C 36 9.52 19.61 -4.47
N LEU C 37 8.83 18.51 -4.20
CA LEU C 37 7.71 18.09 -5.02
C LEU C 37 6.50 18.98 -4.80
N GLN C 38 6.54 19.88 -3.82
CA GLN C 38 5.41 20.75 -3.51
C GLN C 38 5.36 22.03 -4.34
N LYS C 39 6.25 22.19 -5.33
CA LYS C 39 6.18 23.33 -6.29
C LYS C 39 6.87 23.06 -7.64
N ARG C 41 4.05 22.78 -8.90
CA ARG C 41 2.59 22.91 -9.04
C ARG C 41 2.08 22.99 -10.49
N THR C 42 2.51 24.03 -11.20
CA THR C 42 1.93 24.39 -12.49
C THR C 42 1.98 23.24 -13.49
N PRO C 43 1.03 23.17 -14.43
CA PRO C 43 1.12 22.16 -15.51
C PRO C 43 2.32 22.42 -16.43
N TYR C 44 2.80 21.35 -17.05
CA TYR C 44 4.04 21.44 -17.79
C TYR C 44 3.85 22.27 -19.07
N VAL C 45 4.79 23.18 -19.30
CA VAL C 45 4.73 24.21 -20.34
C VAL C 45 5.74 23.89 -21.43
N THR C 46 5.39 22.98 -22.33
CA THR C 46 6.39 22.50 -23.29
C THR C 46 6.60 23.46 -24.44
N THR C 47 7.77 23.38 -25.02
CA THR C 47 8.02 24.02 -26.30
C THR C 47 8.32 22.91 -27.30
N SER C 48 8.24 23.24 -28.59
CA SER C 48 8.54 22.23 -29.60
C SER C 48 10.04 22.00 -29.71
N VAL C 49 10.85 23.03 -29.45
CA VAL C 49 12.30 22.85 -29.42
C VAL C 49 12.72 22.03 -28.21
N SER C 50 12.15 22.31 -27.03
CA SER C 50 12.50 21.53 -25.85
C SER C 50 12.25 20.04 -26.08
N THR C 51 11.06 19.69 -26.59
CA THR C 51 10.78 18.27 -26.84
C THR C 51 11.69 17.73 -27.94
N HIS C 52 12.10 18.58 -28.87
CA HIS C 52 13.04 18.15 -29.89
C HIS C 52 14.40 17.88 -29.26
N SER C 53 14.87 18.81 -28.40
CA SER C 53 16.10 18.61 -27.65
C SER C 53 16.05 17.27 -26.94
N ALA C 54 15.01 17.06 -26.14
CA ALA C 54 14.83 15.79 -25.46
C ALA C 54 14.84 14.64 -26.44
N LYS C 55 14.04 14.74 -27.51
CA LYS C 55 13.90 13.61 -28.41
C LYS C 55 15.23 13.25 -29.09
N VAL C 56 16.00 14.26 -29.52
CA VAL C 56 17.26 13.93 -30.18
C VAL C 56 18.18 13.25 -29.19
N LYS C 57 18.12 13.71 -27.96
CA LYS C 57 18.99 13.18 -26.93
C LYS C 57 18.64 11.71 -26.63
N ILE C 58 17.33 11.38 -26.51
CA ILE C 58 16.94 9.98 -26.27
C ILE C 58 17.32 9.09 -27.45
N ALA C 59 16.92 9.47 -28.67
CA ALA C 59 17.15 8.58 -29.80
C ALA C 59 18.64 8.34 -30.00
N GLU C 60 19.45 9.32 -29.59
CA GLU C 60 20.89 9.18 -29.63
C GLU C 60 21.35 8.11 -28.65
N PHE C 61 20.82 8.16 -27.42
CA PHE C 61 21.22 7.22 -26.38
C PHE C 61 20.83 5.78 -26.72
N SER C 62 19.53 5.51 -26.89
CA SER C 62 19.01 4.14 -26.86
C SER C 62 19.48 3.32 -28.06
N ARG C 63 19.49 2.01 -27.87
CA ARG C 63 19.90 1.08 -28.91
C ARG C 63 18.74 0.67 -29.80
N THR C 64 17.53 1.09 -29.44
CA THR C 64 16.29 0.94 -30.17
C THR C 64 15.80 2.34 -30.48
N PRO C 65 16.44 3.05 -31.39
CA PRO C 65 16.08 4.46 -31.56
C PRO C 65 14.80 4.55 -32.38
N ASP C 66 14.66 3.62 -33.34
CA ASP C 66 13.48 3.62 -34.18
C ASP C 66 12.22 3.35 -33.38
N ASP C 67 12.21 2.28 -32.56
CA ASP C 67 11.02 1.97 -31.76
C ASP C 67 10.68 3.10 -30.81
N PHE C 68 11.68 3.72 -30.19
CA PHE C 68 11.36 4.83 -29.31
C PHE C 68 10.66 5.91 -30.11
N LEU C 69 11.31 6.30 -31.21
CA LEU C 69 10.79 7.33 -32.08
C LEU C 69 9.43 6.92 -32.63
N LYS C 70 9.29 5.63 -32.91
CA LYS C 70 8.07 5.11 -33.53
C LYS C 70 6.87 5.29 -32.61
N LYS C 71 6.88 4.68 -31.46
CA LYS C 71 5.71 4.93 -30.64
C LYS C 71 5.86 6.08 -29.72
N TYR C 72 6.81 6.96 -29.96
CA TYR C 72 6.51 8.35 -29.69
C TYR C 72 5.44 8.80 -30.66
N GLU C 73 5.65 8.50 -31.94
CA GLU C 73 4.74 8.93 -33.00
C GLU C 73 3.35 8.32 -32.81
N GLU C 74 3.29 6.99 -32.53
CA GLU C 74 2.00 6.36 -32.25
C GLU C 74 1.30 7.05 -31.11
N LEU C 75 2.04 7.58 -30.19
CA LEU C 75 1.44 7.80 -28.90
C LEU C 75 1.14 9.26 -28.73
N LYS C 76 1.64 10.07 -29.68
CA LYS C 76 1.39 11.50 -29.75
C LYS C 76 0.16 11.76 -30.59
N SER C 77 -0.03 10.95 -31.62
CA SER C 77 -1.21 11.08 -32.46
C SER C 77 -2.49 10.87 -31.65
N LYS C 78 -2.45 10.03 -30.63
CA LYS C 78 -3.60 9.91 -29.74
C LYS C 78 -3.55 10.89 -28.56
N ASN C 79 -2.64 11.86 -28.57
CA ASN C 79 -2.64 12.98 -27.60
C ASN C 79 -2.61 12.52 -26.15
N THR C 80 -1.82 11.49 -25.88
CA THR C 80 -1.78 10.88 -24.56
C THR C 80 -1.24 11.83 -23.48
N ARG C 81 -1.76 11.66 -22.25
CA ARG C 81 -1.53 12.61 -21.16
C ARG C 81 -0.14 12.48 -20.59
N ASN C 82 0.44 13.62 -20.24
CA ASN C 82 1.80 13.74 -19.69
C ASN C 82 2.86 13.08 -20.58
N LEU C 83 2.59 13.01 -21.90
CA LEU C 83 3.53 12.39 -22.82
C LEU C 83 4.80 13.20 -22.94
N ASP C 84 4.68 14.50 -23.04
CA ASP C 84 5.85 15.34 -23.24
C ASP C 84 6.67 15.44 -21.95
N PRO C 85 6.05 15.62 -20.76
CA PRO C 85 6.86 15.65 -19.53
C PRO C 85 7.51 14.33 -19.18
N LEU C 86 6.93 13.19 -19.57
CA LEU C 86 7.62 11.91 -19.35
C LEU C 86 8.86 11.83 -20.21
N VAL C 87 8.79 12.40 -21.43
CA VAL C 87 9.92 12.40 -22.35
C VAL C 87 11.07 13.25 -21.79
N TYR C 88 10.75 14.42 -21.21
CA TYR C 88 11.77 15.26 -20.60
C TYR C 88 12.42 14.57 -19.42
N LEU C 89 11.62 13.87 -18.61
CA LEU C 89 12.20 13.14 -17.51
C LEU C 89 13.16 12.08 -18.02
N LEU C 90 12.79 11.35 -19.06
CA LEU C 90 13.73 10.40 -19.63
C LEU C 90 14.99 11.07 -20.14
N SER C 91 14.87 12.22 -20.80
CA SER C 91 16.07 12.89 -21.26
C SER C 91 16.98 13.19 -20.08
N LYS C 92 16.41 13.66 -18.96
CA LYS C 92 17.21 13.99 -17.77
C LYS C 92 17.83 12.74 -17.13
N LEU C 93 17.14 11.61 -17.22
CA LEU C 93 17.62 10.36 -16.64
C LEU C 93 18.79 9.81 -17.45
N ILE C 94 18.83 10.08 -18.75
CA ILE C 94 19.92 9.59 -19.57
C ILE C 94 21.25 10.24 -19.16
N GLU C 95 21.18 11.53 -18.80
CA GLU C 95 22.37 12.29 -18.43
C GLU C 95 23.09 11.68 -17.23
N ASP C 96 22.32 11.27 -16.23
CA ASP C 96 22.87 10.83 -14.93
C ASP C 96 23.12 9.32 -14.98
N LYS C 97 24.34 8.94 -15.35
CA LYS C 97 24.68 7.52 -15.52
C LYS C 97 24.64 6.75 -14.22
N GLU C 98 24.73 7.46 -13.09
CA GLU C 98 24.62 6.79 -11.79
C GLU C 98 23.19 6.37 -11.52
N THR C 99 22.28 7.34 -11.38
CA THR C 99 20.91 7.03 -11.01
C THR C 99 20.20 6.27 -12.12
N LEU C 100 20.73 6.31 -13.34
CA LEU C 100 20.27 5.37 -14.35
C LEU C 100 20.63 3.95 -13.94
N GLN C 101 21.83 3.81 -13.37
CA GLN C 101 22.38 2.51 -13.04
C GLN C 101 21.67 1.91 -11.83
N TYR C 102 21.28 2.76 -10.87
CA TYR C 102 20.52 2.26 -9.73
C TYR C 102 19.23 1.63 -10.21
N LEU C 103 18.39 2.43 -10.89
CA LEU C 103 17.11 1.95 -11.43
C LEU C 103 17.31 0.70 -12.24
N GLN C 104 18.34 0.69 -13.08
CA GLN C 104 18.69 -0.49 -13.88
C GLN C 104 18.87 -1.71 -13.00
N GLN C 105 19.60 -1.56 -11.89
CA GLN C 105 19.86 -2.67 -10.97
C GLN C 105 18.61 -3.04 -10.17
N ASN C 106 18.02 -2.04 -9.48
CA ASN C 106 16.79 -2.22 -8.72
C ASN C 106 15.73 -2.99 -9.49
N ALA C 107 15.72 -2.87 -10.82
CA ALA C 107 14.78 -3.63 -11.63
C ALA C 107 15.19 -5.08 -11.78
N LYS C 108 16.50 -5.37 -11.79
CA LYS C 108 16.95 -6.75 -11.88
C LYS C 108 16.69 -7.51 -10.59
N ASP C 109 16.82 -6.83 -9.44
CA ASP C 109 16.64 -7.45 -8.12
C ASP C 109 15.24 -8.05 -7.95
N LYS C 110 14.20 -7.35 -8.39
CA LYS C 110 12.85 -7.92 -8.37
C LYS C 110 12.60 -8.77 -9.62
N ALA C 111 13.53 -9.70 -9.86
CA ALA C 111 13.36 -10.80 -10.81
C ALA C 111 13.45 -12.08 -9.98
N GLU C 112 12.32 -12.45 -9.35
CA GLU C 112 12.24 -13.57 -8.41
C GLU C 112 13.23 -13.45 -7.24
N VAL D 48 -0.32 -5.16 -13.12
CA VAL D 48 0.38 -4.11 -12.36
C VAL D 48 -0.01 -2.68 -12.78
N LEU D 49 0.17 -2.38 -14.07
CA LEU D 49 -0.11 -1.07 -14.62
C LEU D 49 -1.05 -1.16 -15.83
N ASN D 50 -1.93 -0.13 -15.96
CA ASN D 50 -3.05 -0.18 -16.87
C ASN D 50 -2.64 0.24 -18.27
N PRO D 51 -3.44 -0.11 -19.28
CA PRO D 51 -3.08 0.19 -20.66
C PRO D 51 -2.50 1.56 -20.98
N GLU D 52 -2.86 2.63 -20.26
CA GLU D 52 -2.18 3.91 -20.54
C GLU D 52 -0.78 3.93 -19.95
N GLU D 53 -0.64 3.59 -18.65
CA GLU D 53 0.68 3.44 -18.07
C GLU D 53 1.50 2.41 -18.87
N ALA D 54 0.85 1.37 -19.37
CA ALA D 54 1.56 0.34 -20.12
C ALA D 54 2.20 0.90 -21.38
N GLU D 55 1.52 1.82 -22.06
CA GLU D 55 2.14 2.45 -23.22
C GLU D 55 3.41 3.20 -22.82
N LEU D 56 3.28 4.14 -21.88
CA LEU D 56 4.43 4.93 -21.45
C LEU D 56 5.56 4.06 -20.89
N TYR D 57 5.25 3.02 -20.12
CA TYR D 57 6.29 2.09 -19.71
C TYR D 57 6.98 1.49 -20.93
N GLU D 58 6.17 1.05 -21.88
CA GLU D 58 6.72 0.52 -23.11
C GLU D 58 7.57 1.56 -23.82
N LEU D 59 7.15 2.82 -23.80
CA LEU D 59 7.92 3.93 -24.34
C LEU D 59 9.29 4.02 -23.65
N THR D 60 9.33 4.29 -22.33
CA THR D 60 10.59 4.42 -21.62
C THR D 60 11.45 3.20 -21.87
N GLN D 61 10.83 2.04 -22.07
CA GLN D 61 11.56 0.80 -22.29
C GLN D 61 12.40 0.87 -23.57
N ALA D 62 11.75 1.05 -24.71
CA ALA D 62 12.52 1.15 -25.94
C ALA D 62 13.34 2.44 -26.00
N ALA D 63 12.98 3.43 -25.21
CA ALA D 63 13.76 4.64 -25.07
C ALA D 63 15.10 4.36 -24.42
N GLY D 64 15.32 3.11 -24.02
CA GLY D 64 16.61 2.66 -23.55
C GLY D 64 16.74 2.48 -22.05
N ILE D 65 15.86 3.04 -21.22
CA ILE D 65 16.09 2.97 -19.79
C ILE D 65 15.36 1.73 -19.26
N VAL D 66 15.82 1.21 -18.10
CA VAL D 66 15.26 0.03 -17.43
C VAL D 66 14.86 0.42 -16.04
N ILE D 67 13.57 0.36 -15.75
CA ILE D 67 13.09 0.79 -14.46
C ILE D 67 11.94 -0.12 -14.07
N ASP D 68 11.82 -0.39 -12.77
CA ASP D 68 10.87 -1.38 -12.29
C ASP D 68 9.43 -0.87 -12.46
N GLN D 69 8.56 -1.76 -12.96
CA GLN D 69 7.21 -1.32 -13.30
C GLN D 69 6.52 -0.62 -12.15
N GLU D 70 6.73 -1.12 -10.93
CA GLU D 70 6.07 -0.54 -9.76
C GLU D 70 6.53 0.89 -9.53
N VAL D 71 7.84 1.14 -9.64
CA VAL D 71 8.35 2.50 -9.45
C VAL D 71 8.02 3.39 -10.65
N PHE D 72 7.98 2.82 -11.86
CA PHE D 72 7.52 3.62 -12.99
C PHE D 72 6.12 4.14 -12.75
N LYS D 73 5.26 3.30 -12.18
CA LYS D 73 3.90 3.73 -11.88
C LYS D 73 3.88 4.92 -10.94
N ILE D 74 4.79 4.95 -9.98
CA ILE D 74 4.73 6.04 -9.00
C ILE D 74 5.12 7.34 -9.69
N LEU D 75 6.13 7.27 -10.56
CA LEU D 75 6.56 8.42 -11.34
C LEU D 75 5.41 8.97 -12.15
N VAL D 76 4.86 8.14 -13.05
CA VAL D 76 3.74 8.59 -13.88
C VAL D 76 2.70 9.29 -13.03
N ASP D 77 2.36 8.69 -11.89
CA ASP D 77 1.37 9.28 -11.00
C ASP D 77 1.83 10.64 -10.45
N LEU D 78 3.12 10.81 -10.21
CA LEU D 78 3.60 12.13 -9.81
C LEU D 78 3.44 13.15 -10.94
N LEU D 79 3.74 12.75 -12.17
CA LEU D 79 3.54 13.65 -13.30
C LEU D 79 2.06 13.97 -13.41
N LYS D 80 1.22 12.97 -13.17
CA LYS D 80 -0.23 13.14 -13.21
C LYS D 80 -0.66 14.23 -12.25
N MET D 81 -0.02 14.32 -11.09
CA MET D 81 -0.31 15.39 -10.14
C MET D 81 0.46 16.66 -10.47
N ASN D 82 1.02 16.72 -11.67
CA ASN D 82 1.66 17.91 -12.22
C ASN D 82 2.81 18.42 -11.35
N VAL D 83 3.74 17.51 -11.10
CA VAL D 83 5.07 17.84 -10.58
C VAL D 83 6.00 17.95 -11.78
N ALA D 84 6.80 19.01 -11.84
CA ALA D 84 7.66 19.19 -13.01
C ALA D 84 8.62 18.01 -13.15
N PRO D 85 8.84 17.49 -14.36
CA PRO D 85 9.66 16.29 -14.53
C PRO D 85 11.01 16.43 -13.89
N LEU D 86 11.49 17.67 -13.90
CA LEU D 86 12.79 18.02 -13.33
C LEU D 86 12.82 17.77 -11.82
N ALA D 87 11.83 18.29 -11.09
CA ALA D 87 11.77 18.02 -9.65
C ALA D 87 11.66 16.53 -9.38
N VAL D 88 10.84 15.82 -10.17
CA VAL D 88 10.79 14.37 -10.04
C VAL D 88 12.18 13.79 -10.25
N PHE D 89 12.89 14.28 -11.28
CA PHE D 89 14.24 13.80 -11.53
C PHE D 89 15.17 14.11 -10.38
N GLN D 90 15.09 15.32 -9.83
CA GLN D 90 15.96 15.69 -8.72
C GLN D 90 15.82 14.70 -7.57
N MET D 91 14.59 14.38 -7.17
CA MET D 91 14.48 13.41 -6.09
C MET D 91 14.94 12.02 -6.52
N LEU D 92 14.70 11.63 -7.77
CA LEU D 92 15.22 10.33 -8.20
C LEU D 92 16.74 10.27 -8.13
N LYS D 93 17.42 11.35 -8.55
CA LYS D 93 18.88 11.35 -8.53
C LYS D 93 19.38 11.29 -7.10
N SER D 94 18.72 12.02 -6.20
CA SER D 94 19.12 12.05 -4.81
C SER D 94 18.90 10.70 -4.14
N MET D 95 17.74 10.10 -4.36
CA MET D 95 17.40 8.81 -3.75
C MET D 95 18.33 7.68 -4.20
N CYS D 96 19.16 7.90 -5.20
CA CYS D 96 20.04 6.83 -5.67
C CYS D 96 21.49 7.20 -5.39
N ALA D 97 22.13 6.42 -4.51
CA ALA D 97 23.46 6.66 -3.93
C ALA D 97 23.70 8.16 -3.74
N SER E 5 -5.63 10.64 15.24
CA SER E 5 -5.13 10.85 13.90
C SER E 5 -5.01 9.53 13.11
N MET E 6 -4.66 8.41 13.76
CA MET E 6 -4.63 7.14 13.02
C MET E 6 -6.00 6.82 12.45
N SER E 7 -7.06 7.43 13.01
CA SER E 7 -8.37 7.42 12.37
C SER E 7 -8.31 8.10 11.01
N GLU E 8 -7.99 9.39 11.02
CA GLU E 8 -7.91 10.17 9.81
C GLU E 8 -6.91 9.58 8.83
N PHE E 9 -5.78 9.06 9.31
CA PHE E 9 -4.82 8.47 8.40
C PHE E 9 -5.44 7.35 7.59
N ARG E 10 -6.19 6.46 8.25
CA ARG E 10 -6.70 5.30 7.53
C ARG E 10 -7.76 5.72 6.51
N ILE E 11 -8.61 6.69 6.87
CA ILE E 11 -9.55 7.26 5.93
C ILE E 11 -8.81 7.74 4.69
N HIS E 12 -7.76 8.54 4.90
CA HIS E 12 -6.98 9.04 3.79
C HIS E 12 -6.38 7.90 2.98
N HIS E 13 -5.79 6.91 3.65
CA HIS E 13 -5.25 5.77 2.90
C HIS E 13 -6.35 5.05 2.12
N ASP E 14 -7.56 4.96 2.70
CA ASP E 14 -8.66 4.27 2.03
C ASP E 14 -9.10 5.04 0.78
N VAL E 15 -9.44 6.32 0.96
CA VAL E 15 -9.85 7.18 -0.13
C VAL E 15 -8.79 7.16 -1.23
N ASN E 16 -7.54 7.39 -0.85
CA ASN E 16 -6.47 7.42 -1.82
C ASN E 16 -6.41 6.12 -2.60
N GLU E 17 -6.41 4.97 -1.91
CA GLU E 17 -6.29 3.76 -2.71
C GLU E 17 -7.52 3.48 -3.54
N LEU E 18 -8.63 4.15 -3.22
CA LEU E 18 -9.78 4.04 -4.11
C LEU E 18 -9.52 4.77 -5.42
N ILE E 19 -9.09 6.05 -5.32
CA ILE E 19 -8.69 6.81 -6.50
C ILE E 19 -7.78 5.98 -7.39
N SER E 20 -6.78 5.33 -6.81
CA SER E 20 -5.95 4.41 -7.57
C SER E 20 -6.77 3.27 -8.14
N LEU E 21 -7.60 2.63 -7.31
CA LEU E 21 -8.26 1.42 -7.77
C LEU E 21 -9.30 1.69 -8.86
N LEU E 22 -9.91 2.87 -8.86
CA LEU E 22 -11.02 3.20 -9.76
C LEU E 22 -10.64 4.19 -10.87
N HIS E 23 -9.40 4.67 -10.88
CA HIS E 23 -8.79 5.47 -11.94
C HIS E 23 -9.41 6.85 -12.06
N VAL E 24 -9.30 7.66 -11.01
CA VAL E 24 -10.02 8.92 -10.90
C VAL E 24 -9.14 10.13 -11.21
N PHE E 25 -9.71 11.33 -11.10
CA PHE E 25 -9.05 12.63 -10.94
C PHE E 25 -8.21 12.97 -12.17
N GLY E 29 -10.78 18.08 -7.57
CA GLY E 29 -10.58 18.30 -6.15
C GLY E 29 -11.29 17.32 -5.24
N ALA E 30 -10.53 16.41 -4.62
CA ALA E 30 -11.11 15.38 -3.78
C ALA E 30 -10.96 15.65 -2.29
N ASP E 31 -10.60 16.88 -1.90
CA ASP E 31 -10.61 17.25 -0.49
C ASP E 31 -12.03 17.40 0.05
N VAL E 32 -13.03 17.49 -0.84
CA VAL E 32 -14.42 17.55 -0.41
C VAL E 32 -14.87 16.22 0.18
N TYR E 33 -14.42 15.09 -0.40
CA TYR E 33 -14.75 13.77 0.13
C TYR E 33 -14.38 13.66 1.60
N ILE E 34 -13.21 14.18 1.95
CA ILE E 34 -12.75 14.12 3.33
C ILE E 34 -13.69 14.91 4.24
N ASP E 35 -14.09 16.11 3.81
CA ASP E 35 -15.04 16.89 4.60
C ASP E 35 -16.31 16.07 4.81
N LEU E 36 -16.80 15.48 3.72
CA LEU E 36 -18.02 14.68 3.70
C LEU E 36 -17.91 13.45 4.62
N LEU E 37 -16.82 12.70 4.50
CA LEU E 37 -16.73 11.44 5.22
C LEU E 37 -16.48 11.60 6.73
N GLN E 38 -16.00 12.75 7.18
CA GLN E 38 -15.67 12.94 8.59
C GLN E 38 -16.84 13.44 9.44
N LYS E 39 -18.06 13.47 8.90
CA LYS E 39 -19.24 13.88 9.66
C LYS E 39 -20.07 12.62 9.92
N ASN E 40 -19.78 11.96 11.05
CA ASN E 40 -20.39 10.68 11.41
C ASN E 40 -20.60 10.57 12.91
N ARG E 41 -21.54 9.70 13.30
CA ARG E 41 -21.87 9.44 14.72
C ARG E 41 -22.84 8.26 14.92
N VAL E 45 -26.64 3.70 12.72
CA VAL E 45 -27.80 3.99 13.57
C VAL E 45 -29.08 4.14 12.72
N THR E 46 -29.55 2.99 12.21
CA THR E 46 -30.62 2.85 11.22
C THR E 46 -32.01 2.82 11.84
N THR E 47 -33.02 2.76 10.96
CA THR E 47 -34.41 2.52 11.30
C THR E 47 -34.80 1.10 10.85
N SER E 48 -35.86 0.55 11.43
CA SER E 48 -36.29 -0.79 11.04
C SER E 48 -36.93 -0.81 9.66
N VAL E 49 -37.67 0.25 9.30
CA VAL E 49 -38.25 0.37 7.97
C VAL E 49 -37.17 0.51 6.92
N SER E 50 -36.16 1.35 7.19
CA SER E 50 -35.10 1.59 6.22
C SER E 50 -34.49 0.28 5.75
N THR E 51 -34.17 -0.61 6.70
CA THR E 51 -33.61 -1.90 6.31
C THR E 51 -34.61 -2.73 5.54
N HIS E 52 -35.89 -2.61 5.85
CA HIS E 52 -36.89 -3.32 5.07
C HIS E 52 -37.01 -2.70 3.68
N SER E 53 -37.14 -1.36 3.64
CA SER E 53 -37.19 -0.65 2.36
C SER E 53 -36.03 -1.05 1.49
N ALA E 54 -34.81 -0.92 2.03
CA ALA E 54 -33.63 -1.37 1.31
C ALA E 54 -33.75 -2.83 0.92
N LYS E 55 -34.19 -3.68 1.85
CA LYS E 55 -34.21 -5.12 1.56
C LYS E 55 -35.19 -5.44 0.44
N VAL E 56 -36.39 -4.85 0.44
CA VAL E 56 -37.34 -5.14 -0.63
C VAL E 56 -36.83 -4.59 -1.96
N LYS E 57 -36.15 -3.45 -1.93
CA LYS E 57 -35.57 -2.91 -3.14
C LYS E 57 -34.52 -3.87 -3.71
N ILE E 58 -33.68 -4.43 -2.84
CA ILE E 58 -32.66 -5.37 -3.29
C ILE E 58 -33.32 -6.59 -3.92
N ALA E 59 -34.24 -7.22 -3.19
CA ALA E 59 -34.74 -8.51 -3.65
C ALA E 59 -35.46 -8.41 -4.98
N GLU E 60 -36.15 -7.29 -5.22
CA GLU E 60 -36.78 -7.09 -6.52
C GLU E 60 -35.72 -6.94 -7.60
N PHE E 61 -34.73 -6.08 -7.35
CA PHE E 61 -33.69 -5.86 -8.33
C PHE E 61 -32.92 -7.16 -8.60
N SER E 62 -32.34 -7.75 -7.56
CA SER E 62 -31.34 -8.80 -7.78
C SER E 62 -31.95 -10.05 -8.42
N ARG E 63 -31.13 -10.69 -9.24
CA ARG E 63 -31.49 -11.85 -10.05
C ARG E 63 -31.58 -13.13 -9.22
N THR E 64 -31.10 -13.08 -7.98
CA THR E 64 -30.99 -14.26 -7.12
C THR E 64 -31.53 -13.85 -5.76
N PRO E 65 -32.85 -13.70 -5.64
CA PRO E 65 -33.40 -13.09 -4.44
C PRO E 65 -33.46 -14.03 -3.24
N ASP E 66 -33.65 -15.33 -3.45
CA ASP E 66 -33.63 -16.24 -2.30
C ASP E 66 -32.26 -16.26 -1.62
N ASP E 67 -31.19 -16.40 -2.41
CA ASP E 67 -29.85 -16.45 -1.81
C ASP E 67 -29.57 -15.23 -0.97
N PHE E 68 -29.91 -14.05 -1.50
CA PHE E 68 -29.69 -12.82 -0.73
C PHE E 68 -30.56 -12.82 0.51
N LEU E 69 -31.86 -13.06 0.35
CA LEU E 69 -32.76 -13.10 1.48
C LEU E 69 -32.34 -14.16 2.48
N LYS E 70 -31.92 -15.33 1.99
CA LYS E 70 -31.48 -16.39 2.87
C LYS E 70 -30.22 -15.93 3.59
N LYS E 71 -29.09 -15.77 2.88
CA LYS E 71 -27.88 -15.47 3.64
C LYS E 71 -27.83 -14.04 4.16
N TYR E 72 -28.97 -13.35 4.10
CA TYR E 72 -29.19 -12.26 5.03
C TYR E 72 -29.56 -12.78 6.41
N GLU E 73 -30.56 -13.68 6.46
CA GLU E 73 -31.01 -14.22 7.75
C GLU E 73 -29.88 -14.95 8.47
N GLU E 74 -29.11 -15.75 7.72
CA GLU E 74 -27.93 -16.42 8.26
C GLU E 74 -27.00 -15.45 8.94
N LEU E 75 -26.97 -14.24 8.44
CA LEU E 75 -25.85 -13.37 8.71
C LEU E 75 -26.22 -12.28 9.69
N LYS E 76 -27.51 -12.08 9.92
CA LYS E 76 -28.05 -11.16 10.91
C LYS E 76 -28.30 -11.88 12.22
N SER E 77 -28.70 -13.15 12.15
CA SER E 77 -28.87 -13.94 13.36
C SER E 77 -27.58 -14.07 14.16
N LYS E 78 -26.41 -14.08 13.48
CA LYS E 78 -25.14 -13.99 14.19
C LYS E 78 -24.71 -12.54 14.43
N ASN E 79 -25.59 -11.57 14.14
CA ASN E 79 -25.37 -10.16 14.47
C ASN E 79 -24.12 -9.56 13.83
N THR E 80 -23.88 -9.87 12.55
CA THR E 80 -22.65 -9.44 11.88
C THR E 80 -22.57 -7.91 11.81
N ARG E 81 -21.33 -7.40 11.78
CA ARG E 81 -21.08 -5.97 11.93
C ARG E 81 -21.38 -5.19 10.66
N ASN E 82 -21.92 -3.98 10.83
CA ASN E 82 -22.26 -3.06 9.75
C ASN E 82 -23.11 -3.73 8.68
N LEU E 83 -23.88 -4.75 9.07
CA LEU E 83 -24.67 -5.47 8.09
C LEU E 83 -25.76 -4.60 7.51
N ASP E 84 -26.52 -3.93 8.38
CA ASP E 84 -27.65 -3.15 7.90
C ASP E 84 -27.20 -1.90 7.14
N PRO E 85 -26.14 -1.20 7.57
CA PRO E 85 -25.61 -0.14 6.72
C PRO E 85 -24.99 -0.63 5.41
N LEU E 86 -24.41 -1.83 5.38
CA LEU E 86 -23.88 -2.33 4.12
C LEU E 86 -25.02 -2.60 3.16
N VAL E 87 -26.14 -3.10 3.68
CA VAL E 87 -27.32 -3.34 2.85
C VAL E 87 -27.91 -2.01 2.37
N TYR E 88 -27.96 -1.01 3.24
CA TYR E 88 -28.45 0.29 2.80
C TYR E 88 -27.61 0.84 1.66
N LEU E 89 -26.30 0.64 1.73
CA LEU E 89 -25.43 1.07 0.64
C LEU E 89 -25.74 0.30 -0.63
N LEU E 90 -25.86 -1.03 -0.54
CA LEU E 90 -26.23 -1.78 -1.72
C LEU E 90 -27.57 -1.30 -2.23
N SER E 91 -28.48 -0.96 -1.31
CA SER E 91 -29.75 -0.36 -1.69
C SER E 91 -29.53 0.92 -2.47
N LYS E 92 -28.65 1.79 -2.01
CA LYS E 92 -28.45 3.05 -2.72
C LYS E 92 -27.72 2.85 -4.04
N LEU E 93 -26.83 1.86 -4.11
CA LEU E 93 -26.04 1.64 -5.32
C LEU E 93 -26.86 1.08 -6.45
N ILE E 94 -27.84 0.24 -6.15
CA ILE E 94 -28.64 -0.27 -7.25
C ILE E 94 -29.42 0.88 -7.88
N GLU E 95 -29.95 1.80 -7.05
CA GLU E 95 -30.73 2.91 -7.58
C GLU E 95 -29.94 3.71 -8.59
N ASP E 96 -28.66 3.94 -8.33
CA ASP E 96 -27.87 4.82 -9.19
C ASP E 96 -27.23 3.98 -10.29
N LYS E 97 -27.87 3.98 -11.47
CA LYS E 97 -27.48 3.06 -12.54
C LYS E 97 -26.10 3.39 -13.10
N GLU E 98 -25.72 4.66 -13.10
CA GLU E 98 -24.42 5.05 -13.65
C GLU E 98 -23.29 4.41 -12.86
N THR E 99 -23.29 4.59 -11.54
CA THR E 99 -22.15 4.17 -10.73
C THR E 99 -22.17 2.69 -10.40
N LEU E 100 -23.33 2.04 -10.50
CA LEU E 100 -23.34 0.58 -10.48
C LEU E 100 -22.64 0.04 -11.71
N GLN E 101 -22.79 0.74 -12.84
CA GLN E 101 -22.18 0.31 -14.10
C GLN E 101 -20.67 0.45 -14.08
N TYR E 102 -20.16 1.55 -13.48
CA TYR E 102 -18.72 1.73 -13.39
C TYR E 102 -18.11 0.58 -12.62
N LEU E 103 -18.58 0.37 -11.38
CA LEU E 103 -18.09 -0.72 -10.56
C LEU E 103 -18.17 -2.06 -11.30
N GLN E 104 -19.31 -2.33 -11.93
CA GLN E 104 -19.48 -3.54 -12.73
C GLN E 104 -18.37 -3.64 -13.78
N GLN E 105 -18.08 -2.53 -14.47
CA GLN E 105 -17.01 -2.52 -15.46
C GLN E 105 -15.65 -2.59 -14.79
N ASN E 106 -15.40 -1.69 -13.82
CA ASN E 106 -14.14 -1.67 -13.09
C ASN E 106 -13.74 -3.04 -12.55
N ALA E 107 -14.71 -3.84 -12.12
CA ALA E 107 -14.37 -5.17 -11.64
C ALA E 107 -14.13 -6.14 -12.79
N LYS E 108 -14.77 -5.91 -13.94
CA LYS E 108 -14.60 -6.78 -15.10
C LYS E 108 -13.15 -6.76 -15.62
N ASP E 109 -12.48 -5.61 -15.49
CA ASP E 109 -11.10 -5.49 -15.96
C ASP E 109 -10.21 -6.52 -15.28
N LYS E 110 -10.47 -6.81 -14.02
CA LYS E 110 -9.64 -7.70 -13.24
C LYS E 110 -10.11 -9.15 -13.31
N VAL F 48 -6.93 -10.72 -1.91
CA VAL F 48 -8.00 -11.52 -1.35
C VAL F 48 -8.40 -10.99 0.04
N LEU F 49 -9.60 -11.39 0.47
CA LEU F 49 -10.24 -10.89 1.69
C LEU F 49 -10.61 -12.00 2.68
N ASN F 50 -10.66 -11.63 3.96
CA ASN F 50 -10.69 -12.56 5.09
C ASN F 50 -12.10 -13.09 5.31
N PRO F 51 -12.29 -14.11 6.23
CA PRO F 51 -13.64 -14.67 6.45
C PRO F 51 -14.75 -13.63 6.60
N GLU F 52 -14.63 -12.70 7.57
CA GLU F 52 -15.64 -11.66 7.79
C GLU F 52 -16.13 -11.04 6.49
N GLU F 53 -15.20 -10.53 5.69
CA GLU F 53 -15.54 -9.86 4.45
C GLU F 53 -16.08 -10.84 3.41
N ALA F 54 -15.58 -12.08 3.41
CA ALA F 54 -16.05 -13.07 2.45
C ALA F 54 -17.54 -13.33 2.60
N GLU F 55 -18.07 -13.34 3.85
CA GLU F 55 -19.51 -13.39 4.04
C GLU F 55 -20.20 -12.24 3.34
N LEU F 56 -19.80 -11.01 3.68
CA LEU F 56 -20.41 -9.81 3.10
C LEU F 56 -20.27 -9.79 1.59
N TYR F 57 -19.12 -10.21 1.06
CA TYR F 57 -18.97 -10.30 -0.39
C TYR F 57 -20.00 -11.25 -1.00
N GLU F 58 -20.17 -12.44 -0.44
CA GLU F 58 -21.15 -13.38 -0.96
C GLU F 58 -22.55 -12.74 -0.99
N LEU F 59 -22.86 -11.99 0.05
CA LEU F 59 -24.10 -11.25 0.20
C LEU F 59 -24.32 -10.28 -0.96
N THR F 60 -23.45 -9.26 -1.07
CA THR F 60 -23.58 -8.27 -2.15
C THR F 60 -23.60 -8.97 -3.51
N GLN F 61 -22.85 -10.08 -3.64
CA GLN F 61 -22.80 -10.80 -4.89
C GLN F 61 -24.17 -11.37 -5.22
N ALA F 62 -24.73 -12.16 -4.31
CA ALA F 62 -26.07 -12.65 -4.55
C ALA F 62 -27.11 -11.54 -4.52
N ALA F 63 -26.78 -10.40 -3.88
CA ALA F 63 -27.61 -9.20 -3.92
C ALA F 63 -27.64 -8.56 -5.28
N GLY F 64 -26.89 -9.08 -6.23
CA GLY F 64 -26.98 -8.64 -7.60
C GLY F 64 -25.85 -7.73 -8.04
N ILE F 65 -25.12 -7.15 -7.11
CA ILE F 65 -24.08 -6.20 -7.48
C ILE F 65 -22.78 -6.99 -7.63
N VAL F 66 -21.87 -6.49 -8.44
CA VAL F 66 -20.54 -7.06 -8.57
C VAL F 66 -19.53 -5.92 -8.50
N ILE F 67 -18.64 -5.96 -7.50
CA ILE F 67 -17.57 -4.97 -7.38
C ILE F 67 -16.31 -5.69 -6.95
N ASP F 68 -15.16 -5.17 -7.38
CA ASP F 68 -13.91 -5.91 -7.20
C ASP F 68 -13.55 -6.03 -5.72
N GLN F 69 -13.03 -7.20 -5.33
CA GLN F 69 -12.77 -7.46 -3.92
C GLN F 69 -11.94 -6.35 -3.30
N GLU F 70 -10.95 -5.85 -4.05
CA GLU F 70 -10.05 -4.86 -3.47
C GLU F 70 -10.80 -3.60 -3.07
N VAL F 71 -11.69 -3.13 -3.94
CA VAL F 71 -12.46 -1.94 -3.63
C VAL F 71 -13.60 -2.24 -2.66
N PHE F 72 -14.19 -3.43 -2.75
CA PHE F 72 -15.17 -3.86 -1.74
C PHE F 72 -14.53 -3.91 -0.36
N LYS F 73 -13.30 -4.42 -0.27
CA LYS F 73 -12.62 -4.51 1.02
C LYS F 73 -12.47 -3.13 1.65
N ILE F 74 -12.19 -2.12 0.85
CA ILE F 74 -12.02 -0.79 1.42
C ILE F 74 -13.36 -0.22 1.86
N LEU F 75 -14.41 -0.43 1.04
CA LEU F 75 -15.74 0.04 1.40
C LEU F 75 -16.16 -0.49 2.75
N VAL F 76 -16.18 -1.82 2.88
CA VAL F 76 -16.46 -2.52 4.12
C VAL F 76 -15.70 -1.85 5.25
N ASP F 77 -14.44 -1.51 5.02
CA ASP F 77 -13.67 -0.83 6.04
C ASP F 77 -14.18 0.57 6.37
N LEU F 78 -14.64 1.34 5.38
CA LEU F 78 -15.20 2.65 5.73
C LEU F 78 -16.44 2.51 6.60
N LEU F 79 -17.25 1.50 6.34
CA LEU F 79 -18.38 1.23 7.22
C LEU F 79 -17.89 0.87 8.62
N LYS F 80 -16.77 0.13 8.72
CA LYS F 80 -16.20 -0.25 10.00
C LYS F 80 -15.83 0.96 10.84
N MET F 81 -15.26 2.00 10.23
CA MET F 81 -14.92 3.20 10.98
C MET F 81 -16.10 4.11 11.17
N ASN F 82 -17.30 3.56 11.04
CA ASN F 82 -18.56 4.25 11.30
C ASN F 82 -18.71 5.47 10.41
N VAL F 83 -18.47 5.30 9.13
CA VAL F 83 -18.77 6.33 8.16
C VAL F 83 -20.20 6.07 7.74
N ALA F 84 -21.01 7.13 7.68
CA ALA F 84 -22.41 6.94 7.33
C ALA F 84 -22.51 6.26 5.97
N PRO F 85 -23.38 5.25 5.83
CA PRO F 85 -23.46 4.52 4.55
C PRO F 85 -23.81 5.41 3.38
N LEU F 86 -24.65 6.43 3.61
CA LEU F 86 -25.00 7.35 2.54
C LEU F 86 -23.76 8.05 2.02
N ALA F 87 -22.92 8.53 2.94
CA ALA F 87 -21.70 9.21 2.56
C ALA F 87 -20.82 8.35 1.68
N VAL F 88 -20.69 7.06 2.01
CA VAL F 88 -19.91 6.18 1.15
C VAL F 88 -20.51 6.16 -0.25
N PHE F 89 -21.85 6.13 -0.34
CA PHE F 89 -22.47 6.16 -1.65
C PHE F 89 -22.16 7.47 -2.39
N GLN F 90 -22.30 8.61 -1.70
CA GLN F 90 -22.08 9.90 -2.36
C GLN F 90 -20.69 9.99 -2.97
N MET F 91 -19.66 9.64 -2.19
CA MET F 91 -18.32 9.63 -2.75
C MET F 91 -18.16 8.56 -3.81
N LEU F 92 -18.84 7.42 -3.67
CA LEU F 92 -18.79 6.45 -4.75
C LEU F 92 -19.38 7.04 -6.03
N LYS F 93 -20.50 7.76 -5.91
CA LYS F 93 -21.13 8.34 -7.09
C LYS F 93 -20.23 9.38 -7.73
N SER F 94 -19.59 10.21 -6.90
CA SER F 94 -18.74 11.26 -7.44
C SER F 94 -17.49 10.71 -8.11
N MET F 95 -16.84 9.71 -7.52
CA MET F 95 -15.63 9.12 -8.09
C MET F 95 -15.90 8.43 -9.44
N CYS F 96 -17.15 8.25 -9.81
CA CYS F 96 -17.51 7.53 -11.03
C CYS F 96 -18.18 8.46 -12.03
N ALA F 97 -17.56 8.58 -13.21
CA ALA F 97 -17.97 9.44 -14.36
C ALA F 97 -18.64 10.75 -13.96
#